data_6GCH
#
_entry.id   6GCH
#
_cell.length_a   69.300
_cell.length_b   69.300
_cell.length_c   97.200
_cell.angle_alpha   90.00
_cell.angle_beta   90.00
_cell.angle_gamma   90.00
#
_symmetry.space_group_name_H-M   'P 42 21 2'
#
loop_
_entity.id
_entity.type
_entity.pdbx_description
1 polymer 'GAMMA-CHYMOTRYPSIN A'
2 polymer 'GAMMA-CHYMOTRYPSIN A'
3 polymer 'GAMMA-CHYMOTRYPSIN A'
4 non-polymer '1,1,1-TRIFLUORO-3-ACETAMIDO-4-PHENYL BUTAN-2-ONE(N-ACETYL-L-PHENYLALANYL TRIFLUOROMETHYL KETONE)'
5 water water
#
loop_
_entity_poly.entity_id
_entity_poly.type
_entity_poly.pdbx_seq_one_letter_code
_entity_poly.pdbx_strand_id
1 'polypeptide(L)' CGVPAIQPVLSGL E
2 'polypeptide(L)'
;IVNGEEAVPGSWPWQVSLQDKTGFHFCGGSLINENWVVTAAHCGVTTSDVVVAGEFDQGSSSEKIQKLKIAKVFKNSKYN
SLTINNDITLLKLSTAASFSQTVSAVCLPSASDDFAAGTTCVTTGWGLTRY
;
F
3 'polypeptide(L)'
;ANTPDRLQQASLPLLSNTNCKKYWGTKIKDAMICAGASGVSSCMGDSGGPLVCKKNGAWTLVGIVSWGSSTCSTSTPGVY
ARVTALVNWVQQTLAAN
;
G
#
# COMPACT_ATOMS: atom_id res chain seq x y z
N CYS A 1 -14.67 -8.16 -2.60
CA CYS A 1 -13.46 -7.35 -2.31
C CYS A 1 -13.76 -6.29 -1.24
N GLY A 2 -12.73 -6.03 -0.45
CA GLY A 2 -12.64 -5.04 0.59
C GLY A 2 -13.52 -5.17 1.80
N VAL A 3 -13.94 -6.37 2.11
CA VAL A 3 -14.81 -6.59 3.31
C VAL A 3 -14.17 -7.73 4.10
N PRO A 4 -13.32 -7.34 5.03
CA PRO A 4 -12.56 -8.27 5.86
C PRO A 4 -13.49 -9.20 6.62
N ALA A 5 -12.99 -10.40 6.86
CA ALA A 5 -13.71 -11.46 7.60
C ALA A 5 -13.64 -11.13 9.11
N ILE A 6 -12.65 -10.32 9.37
CA ILE A 6 -12.29 -9.80 10.69
C ILE A 6 -12.11 -8.29 10.54
N GLN A 7 -12.94 -7.55 11.25
CA GLN A 7 -13.04 -6.11 11.22
C GLN A 7 -11.91 -5.36 11.92
N PRO A 8 -11.45 -4.32 11.22
CA PRO A 8 -10.44 -3.42 11.77
C PRO A 8 -11.22 -2.62 12.82
N VAL A 9 -10.56 -2.44 13.93
CA VAL A 9 -11.08 -1.60 15.02
C VAL A 9 -10.08 -0.44 15.06
N LEU A 10 -10.57 0.65 14.50
CA LEU A 10 -9.73 1.86 14.39
C LEU A 10 -9.72 2.55 15.75
N SER A 11 -8.74 2.02 16.51
N ILE B 1 5.01 3.08 9.90
CA ILE B 1 4.16 4.19 10.29
C ILE B 1 4.50 4.76 11.68
N VAL B 2 4.56 6.07 11.79
CA VAL B 2 4.85 6.82 12.98
C VAL B 2 3.66 7.42 13.71
N ASN B 3 3.40 6.89 14.90
CA ASN B 3 2.28 7.36 15.75
C ASN B 3 1.03 6.51 15.41
N GLY B 4 1.27 5.36 14.82
CA GLY B 4 0.14 4.47 14.45
C GLY B 4 -0.20 3.74 15.78
N GLU B 5 -0.94 2.69 15.61
CA GLU B 5 -1.38 1.75 16.62
C GLU B 5 -1.34 0.37 15.91
N GLU B 6 -1.11 -0.61 16.74
CA GLU B 6 -1.10 -2.01 16.30
C GLU B 6 -2.51 -2.31 15.81
N ALA B 7 -2.58 -3.07 14.74
CA ALA B 7 -3.90 -3.39 14.15
C ALA B 7 -4.35 -4.73 14.69
N VAL B 8 -5.61 -5.02 14.43
CA VAL B 8 -6.15 -6.35 14.83
C VAL B 8 -5.59 -7.33 13.80
N PRO B 9 -4.92 -8.36 14.31
CA PRO B 9 -4.37 -9.44 13.49
C PRO B 9 -5.41 -9.83 12.43
N GLY B 10 -4.97 -9.79 11.17
CA GLY B 10 -5.75 -10.11 10.01
C GLY B 10 -6.98 -9.30 9.70
N SER B 11 -7.10 -8.12 10.27
CA SER B 11 -8.20 -7.21 10.01
C SER B 11 -7.99 -6.44 8.70
N TRP B 12 -6.79 -6.52 8.16
CA TRP B 12 -6.38 -5.86 6.93
C TRP B 12 -5.75 -6.92 6.01
N PRO B 13 -6.57 -7.80 5.48
CA PRO B 13 -6.24 -8.96 4.70
C PRO B 13 -5.58 -8.89 3.35
N TRP B 14 -5.58 -7.78 2.67
CA TRP B 14 -4.90 -7.61 1.38
C TRP B 14 -3.47 -7.12 1.62
N GLN B 15 -3.17 -6.78 2.85
CA GLN B 15 -1.87 -6.26 3.25
C GLN B 15 -0.87 -7.44 3.27
N VAL B 16 0.15 -7.26 2.48
CA VAL B 16 1.20 -8.29 2.34
C VAL B 16 2.57 -7.72 2.66
N SER B 17 3.49 -8.66 2.86
CA SER B 17 4.88 -8.26 3.11
C SER B 17 5.72 -8.73 1.91
N LEU B 18 6.50 -7.78 1.45
CA LEU B 18 7.52 -7.97 0.41
C LEU B 18 8.81 -8.27 1.20
N GLN B 19 9.35 -9.45 1.02
CA GLN B 19 10.58 -9.87 1.70
C GLN B 19 11.56 -10.46 0.68
N ASP B 20 12.82 -10.17 0.85
CA ASP B 20 13.96 -10.62 0.06
C ASP B 20 14.30 -12.04 0.60
N LYS B 21 15.18 -12.70 -0.12
CA LYS B 21 15.57 -14.08 0.17
C LYS B 21 16.15 -14.24 1.56
N THR B 22 16.52 -13.12 2.10
CA THR B 22 17.10 -12.93 3.42
C THR B 22 16.07 -12.85 4.53
N GLY B 23 14.80 -12.70 4.19
CA GLY B 23 13.71 -12.63 5.17
C GLY B 23 13.38 -11.18 5.54
N PHE B 24 14.16 -10.27 5.03
CA PHE B 24 14.05 -8.83 5.27
C PHE B 24 12.83 -8.15 4.63
N HIS B 25 11.99 -7.57 5.46
CA HIS B 25 10.82 -6.78 5.01
C HIS B 25 11.33 -5.45 4.43
N PHE B 26 11.10 -5.29 3.14
CA PHE B 26 11.61 -4.11 2.41
C PHE B 26 10.52 -3.24 1.81
N CYS B 27 9.38 -3.85 1.50
CA CYS B 27 8.20 -3.12 1.05
C CYS B 27 6.93 -3.87 1.46
N GLY B 28 5.83 -3.25 1.14
CA GLY B 28 4.46 -3.71 1.35
C GLY B 28 3.83 -3.91 -0.04
N GLY B 29 2.68 -4.52 -0.02
CA GLY B 29 1.87 -4.80 -1.20
C GLY B 29 0.40 -4.79 -0.75
N SER B 30 -0.45 -4.97 -1.72
CA SER B 30 -1.90 -5.05 -1.55
C SER B 30 -2.38 -6.11 -2.55
N LEU B 31 -3.00 -7.13 -1.99
CA LEU B 31 -3.62 -8.19 -2.78
C LEU B 31 -4.86 -7.63 -3.45
N ILE B 32 -4.82 -7.52 -4.76
CA ILE B 32 -5.99 -7.03 -5.51
C ILE B 32 -6.83 -8.22 -5.95
N ASN B 33 -6.22 -9.38 -5.88
CA ASN B 33 -6.81 -10.69 -6.20
C ASN B 33 -5.77 -11.77 -5.85
N GLU B 34 -6.19 -13.01 -5.97
CA GLU B 34 -5.39 -14.18 -5.63
C GLU B 34 -4.19 -14.41 -6.52
N ASN B 35 -4.08 -13.69 -7.62
CA ASN B 35 -2.99 -13.90 -8.58
C ASN B 35 -2.16 -12.64 -8.75
N TRP B 36 -2.58 -11.55 -8.13
CA TRP B 36 -1.94 -10.27 -8.29
C TRP B 36 -1.74 -9.38 -7.06
N VAL B 37 -0.51 -8.88 -7.04
CA VAL B 37 -0.09 -7.92 -6.01
C VAL B 37 0.20 -6.55 -6.63
N VAL B 38 -0.29 -5.55 -5.93
CA VAL B 38 -0.09 -4.13 -6.22
C VAL B 38 0.85 -3.55 -5.16
N THR B 39 1.89 -2.92 -5.68
CA THR B 39 2.94 -2.25 -4.90
C THR B 39 3.42 -1.04 -5.71
N ALA B 40 4.46 -0.47 -5.18
CA ALA B 40 5.15 0.70 -5.71
C ALA B 40 6.37 0.31 -6.55
N ALA B 41 6.41 0.91 -7.71
CA ALA B 41 7.47 0.78 -8.69
C ALA B 41 8.86 0.86 -8.03
N HIS B 42 9.04 1.93 -7.28
CA HIS B 42 10.24 2.30 -6.58
C HIS B 42 10.75 1.27 -5.58
N CYS B 43 9.95 0.28 -5.32
CA CYS B 43 10.27 -0.77 -4.36
C CYS B 43 11.29 -1.76 -4.93
N GLY B 44 11.53 -1.68 -6.21
CA GLY B 44 12.41 -2.50 -7.02
C GLY B 44 12.27 -3.99 -6.83
N VAL B 45 11.06 -4.53 -6.79
CA VAL B 45 10.83 -5.97 -6.57
C VAL B 45 11.35 -6.79 -7.75
N THR B 46 11.89 -7.96 -7.42
CA THR B 46 12.43 -8.93 -8.36
C THR B 46 11.74 -10.29 -8.08
N THR B 47 11.99 -11.20 -9.01
CA THR B 47 11.44 -12.55 -8.95
C THR B 47 12.17 -13.42 -7.93
N SER B 48 13.14 -12.78 -7.30
CA SER B 48 13.93 -13.47 -6.26
C SER B 48 13.31 -13.13 -4.91
N ASP B 49 12.46 -12.12 -4.99
CA ASP B 49 11.67 -11.59 -3.87
C ASP B 49 10.48 -12.54 -3.64
N VAL B 50 9.99 -12.45 -2.42
CA VAL B 50 8.88 -13.31 -1.98
C VAL B 50 7.73 -12.48 -1.43
N VAL B 51 6.54 -13.01 -1.68
CA VAL B 51 5.29 -12.38 -1.23
C VAL B 51 4.74 -13.12 0.00
N VAL B 52 4.66 -12.40 1.10
CA VAL B 52 4.17 -12.97 2.39
C VAL B 52 2.77 -12.50 2.69
N ALA B 53 1.85 -13.45 2.67
CA ALA B 53 0.42 -13.26 2.91
C ALA B 53 -0.05 -13.79 4.26
N GLY B 54 -0.93 -13.02 4.89
CA GLY B 54 -1.59 -13.33 6.13
C GLY B 54 -0.72 -13.37 7.37
N GLU B 55 0.31 -12.56 7.35
CA GLU B 55 1.22 -12.41 8.50
C GLU B 55 0.74 -11.20 9.30
N PHE B 56 1.17 -11.10 10.53
CA PHE B 56 0.80 -10.04 11.45
C PHE B 56 2.02 -9.62 12.32
N ASP B 57 2.69 -10.66 12.74
CA ASP B 57 3.88 -10.52 13.64
C ASP B 57 5.03 -11.16 12.85
N GLN B 58 5.82 -10.26 12.32
CA GLN B 58 6.96 -10.60 11.47
C GLN B 58 7.93 -11.53 12.22
N GLY B 59 7.77 -11.49 13.53
CA GLY B 59 8.58 -12.22 14.49
C GLY B 59 7.90 -13.36 15.18
N SER B 60 6.69 -13.64 14.75
CA SER B 60 5.89 -14.77 15.25
C SER B 60 6.25 -16.01 14.42
N SER B 61 6.40 -17.12 15.12
CA SER B 61 6.74 -18.42 14.54
C SER B 61 5.53 -19.33 14.36
N SER B 62 4.45 -18.97 15.00
CA SER B 62 3.21 -19.73 15.04
C SER B 62 2.14 -19.13 14.11
N GLU B 63 2.61 -18.40 13.11
CA GLU B 63 1.71 -17.80 12.12
C GLU B 63 1.59 -18.62 10.83
N LYS B 64 0.34 -18.79 10.41
CA LYS B 64 0.03 -19.54 9.21
C LYS B 64 -0.01 -18.61 7.99
N ILE B 65 1.19 -18.13 7.69
CA ILE B 65 1.43 -17.20 6.58
C ILE B 65 1.63 -17.94 5.28
N GLN B 66 1.48 -17.24 4.17
CA GLN B 66 1.64 -17.88 2.85
C GLN B 66 2.79 -17.19 2.09
N LYS B 67 3.86 -17.95 1.90
CA LYS B 67 5.04 -17.41 1.20
C LYS B 67 4.98 -17.72 -0.29
N LEU B 68 4.34 -16.82 -1.02
CA LEU B 68 4.11 -16.91 -2.46
C LEU B 68 5.16 -16.19 -3.32
N LYS B 69 5.52 -16.92 -4.35
CA LYS B 69 6.49 -16.56 -5.37
C LYS B 69 5.94 -15.71 -6.48
N ILE B 70 6.87 -14.96 -7.06
CA ILE B 70 6.64 -13.95 -8.09
C ILE B 70 7.19 -14.42 -9.42
N ALA B 71 6.26 -14.75 -10.29
CA ALA B 71 6.49 -15.19 -11.66
C ALA B 71 7.03 -14.06 -12.55
N LYS B 72 6.47 -12.87 -12.43
CA LYS B 72 6.84 -11.72 -13.24
C LYS B 72 6.54 -10.38 -12.55
N VAL B 73 7.35 -9.42 -12.94
CA VAL B 73 7.26 -8.01 -12.49
C VAL B 73 6.84 -7.19 -13.72
N PHE B 74 5.65 -6.63 -13.64
CA PHE B 74 5.07 -5.80 -14.72
C PHE B 74 5.12 -4.37 -14.17
N LYS B 75 6.12 -3.64 -14.61
CA LYS B 75 6.36 -2.25 -14.15
C LYS B 75 5.69 -1.23 -15.05
N ASN B 76 5.02 -0.28 -14.42
CA ASN B 76 4.27 0.76 -15.17
C ASN B 76 5.27 1.43 -16.12
N SER B 77 5.07 1.21 -17.42
CA SER B 77 6.05 1.75 -18.41
C SER B 77 6.08 3.27 -18.38
N LYS B 78 5.20 3.86 -17.59
CA LYS B 78 5.14 5.31 -17.37
C LYS B 78 5.62 5.73 -15.99
N TYR B 79 6.41 4.89 -15.36
CA TYR B 79 7.03 5.22 -14.06
C TYR B 79 8.23 6.11 -14.40
N ASN B 80 8.31 7.21 -13.69
CA ASN B 80 9.36 8.22 -13.83
C ASN B 80 10.18 8.13 -12.51
N SER B 81 11.32 7.48 -12.66
CA SER B 81 12.25 7.25 -11.56
C SER B 81 12.91 8.57 -11.14
N LEU B 82 12.84 9.56 -12.00
CA LEU B 82 13.41 10.89 -11.75
C LEU B 82 12.50 11.67 -10.79
N THR B 83 11.21 11.40 -10.88
CA THR B 83 10.23 12.15 -10.07
C THR B 83 9.31 11.31 -9.21
N ILE B 84 9.40 10.00 -9.31
CA ILE B 84 8.55 9.05 -8.61
C ILE B 84 7.07 9.34 -8.91
N ASN B 85 6.80 9.42 -10.19
CA ASN B 85 5.43 9.66 -10.73
C ASN B 85 4.98 8.34 -11.34
N ASN B 86 3.73 8.00 -11.15
CA ASN B 86 3.14 6.73 -11.61
C ASN B 86 3.90 5.57 -10.93
N ASP B 87 4.14 5.79 -9.66
CA ASP B 87 4.84 4.89 -8.74
C ASP B 87 3.98 3.65 -8.42
N ILE B 88 3.90 2.77 -9.39
CA ILE B 88 3.13 1.53 -9.26
C ILE B 88 3.73 0.42 -10.12
N THR B 89 3.75 -0.76 -9.55
CA THR B 89 4.21 -2.02 -10.11
C THR B 89 3.17 -3.11 -9.83
N LEU B 90 3.00 -4.01 -10.78
CA LEU B 90 2.12 -5.16 -10.60
C LEU B 90 2.97 -6.42 -10.37
N LEU B 91 2.41 -7.34 -9.63
CA LEU B 91 3.06 -8.61 -9.30
C LEU B 91 2.10 -9.74 -9.65
N LYS B 92 2.68 -10.60 -10.44
CA LYS B 92 2.03 -11.79 -10.99
C LYS B 92 2.65 -13.02 -10.31
N LEU B 93 1.83 -13.64 -9.46
CA LEU B 93 2.17 -14.79 -8.66
C LEU B 93 2.24 -16.09 -9.48
N SER B 94 3.23 -16.86 -9.05
CA SER B 94 3.52 -18.19 -9.62
C SER B 94 2.46 -19.16 -9.06
N THR B 95 2.28 -18.99 -7.76
CA THR B 95 1.30 -19.80 -7.01
C THR B 95 0.20 -18.90 -6.46
N ALA B 96 -1.02 -19.19 -6.86
CA ALA B 96 -2.20 -18.43 -6.43
C ALA B 96 -2.34 -18.41 -4.90
N ALA B 97 -2.61 -17.23 -4.39
CA ALA B 97 -2.87 -17.00 -2.95
C ALA B 97 -4.19 -17.68 -2.57
N SER B 98 -4.16 -18.37 -1.43
CA SER B 98 -5.38 -19.05 -0.94
C SER B 98 -6.16 -18.05 -0.07
N PHE B 99 -7.23 -17.51 -0.63
CA PHE B 99 -8.05 -16.51 0.11
C PHE B 99 -8.61 -17.22 1.33
N SER B 100 -8.81 -16.42 2.37
CA SER B 100 -9.31 -16.97 3.64
C SER B 100 -9.84 -15.82 4.49
N GLN B 101 -10.07 -16.15 5.73
CA GLN B 101 -10.53 -15.22 6.75
C GLN B 101 -9.51 -14.06 6.86
N THR B 102 -8.27 -14.41 6.59
CA THR B 102 -7.12 -13.51 6.70
C THR B 102 -6.39 -13.13 5.42
N VAL B 103 -6.74 -13.73 4.31
CA VAL B 103 -6.15 -13.45 2.99
C VAL B 103 -7.31 -13.18 2.00
N SER B 104 -7.38 -11.93 1.57
CA SER B 104 -8.46 -11.49 0.66
C SER B 104 -8.05 -10.25 -0.14
N ALA B 105 -8.90 -9.81 -1.05
CA ALA B 105 -8.66 -8.70 -1.95
C ALA B 105 -9.24 -7.36 -1.54
N VAL B 106 -8.53 -6.37 -2.06
CA VAL B 106 -8.88 -4.95 -1.90
C VAL B 106 -9.73 -4.62 -3.14
N CYS B 107 -10.43 -3.51 -3.02
CA CYS B 107 -11.25 -3.06 -4.16
C CYS B 107 -10.38 -1.98 -4.84
N LEU B 108 -10.65 -1.78 -6.09
CA LEU B 108 -10.01 -0.73 -6.88
C LEU B 108 -11.09 0.29 -7.19
N PRO B 109 -10.67 1.53 -7.32
CA PRO B 109 -11.56 2.65 -7.64
C PRO B 109 -11.80 2.65 -9.14
N SER B 110 -12.88 3.33 -9.51
CA SER B 110 -13.17 3.45 -10.98
C SER B 110 -12.31 4.66 -11.33
N ALA B 111 -11.77 4.70 -12.52
CA ALA B 111 -10.93 5.90 -12.81
C ALA B 111 -11.83 7.13 -12.53
N SER B 112 -13.11 6.83 -12.42
CA SER B 112 -14.22 7.74 -12.23
C SER B 112 -14.53 8.10 -10.78
N ASP B 113 -13.97 7.40 -9.82
CA ASP B 113 -14.19 7.70 -8.40
C ASP B 113 -13.59 9.03 -7.94
N ASP B 114 -14.38 9.66 -7.09
CA ASP B 114 -14.07 10.92 -6.38
C ASP B 114 -13.74 10.57 -4.91
N PHE B 115 -12.73 11.23 -4.40
CA PHE B 115 -12.24 11.05 -3.02
C PHE B 115 -11.78 12.40 -2.46
N ALA B 116 -12.70 13.11 -1.85
CA ALA B 116 -12.55 14.46 -1.33
C ALA B 116 -11.48 14.74 -0.29
N ALA B 117 -10.87 15.90 -0.41
CA ALA B 117 -9.89 16.36 0.62
C ALA B 117 -10.65 16.31 1.93
N GLY B 118 -9.99 16.26 3.07
CA GLY B 118 -10.69 16.16 4.36
C GLY B 118 -11.18 14.76 4.71
N THR B 119 -11.30 13.85 3.78
CA THR B 119 -11.75 12.48 3.98
C THR B 119 -10.69 11.64 4.71
N THR B 120 -11.07 11.04 5.81
CA THR B 120 -10.19 10.20 6.63
C THR B 120 -10.14 8.76 6.17
N CYS B 121 -8.98 8.35 5.70
CA CYS B 121 -8.75 6.95 5.27
C CYS B 121 -7.72 6.29 6.18
N VAL B 122 -7.26 5.12 5.74
CA VAL B 122 -6.32 4.31 6.51
C VAL B 122 -5.16 3.72 5.74
N THR B 123 -4.00 3.95 6.34
CA THR B 123 -2.72 3.43 5.87
C THR B 123 -2.28 2.39 6.91
N THR B 124 -1.61 1.37 6.44
CA THR B 124 -1.12 0.24 7.25
C THR B 124 0.23 -0.20 6.70
N GLY B 125 1.07 -0.70 7.59
CA GLY B 125 2.42 -1.15 7.28
C GLY B 125 3.27 -1.55 8.48
N TRP B 126 4.43 -2.09 8.15
CA TRP B 126 5.48 -2.48 9.10
C TRP B 126 6.70 -1.54 8.89
N GLY B 127 6.37 -0.36 8.44
CA GLY B 127 7.39 0.69 8.22
C GLY B 127 7.83 1.14 9.62
N LEU B 128 8.99 1.71 9.66
CA LEU B 128 9.61 2.21 10.91
C LEU B 128 8.56 2.97 11.69
N THR B 129 8.51 2.69 12.98
CA THR B 129 7.51 3.31 13.86
C THR B 129 8.11 4.60 14.43
N ARG B 130 9.38 4.74 14.06
CA ARG B 130 10.19 5.88 14.52
C ARG B 130 11.35 6.22 13.61
N TYR B 131 11.56 7.55 13.58
CA TYR B 131 12.69 8.10 12.86
C TYR B 131 13.86 8.31 13.84
N THR C 3 11.93 -0.99 13.47
CA THR C 3 11.04 -1.72 12.50
C THR C 3 10.23 -2.75 13.26
N PRO C 4 8.96 -2.43 13.43
CA PRO C 4 7.96 -3.20 14.16
C PRO C 4 7.70 -4.57 13.58
N ASP C 5 7.65 -5.53 14.50
CA ASP C 5 7.26 -6.92 14.13
C ASP C 5 5.76 -6.83 13.82
N ARG C 6 5.07 -6.05 14.63
CA ARG C 6 3.65 -5.79 14.58
C ARG C 6 3.14 -4.84 13.51
N LEU C 7 2.03 -5.26 12.90
CA LEU C 7 1.40 -4.47 11.83
C LEU C 7 0.73 -3.23 12.44
N GLN C 8 1.01 -2.12 11.81
CA GLN C 8 0.49 -0.82 12.27
C GLN C 8 -0.64 -0.37 11.34
N GLN C 9 -1.42 0.54 11.90
CA GLN C 9 -2.55 1.18 11.26
C GLN C 9 -2.60 2.65 11.75
N ALA C 10 -3.19 3.43 10.86
CA ALA C 10 -3.40 4.85 11.07
C ALA C 10 -4.41 5.42 10.08
N SER C 11 -5.17 6.33 10.65
CA SER C 11 -6.20 7.10 9.90
C SER C 11 -5.57 8.48 9.69
N LEU C 12 -5.95 9.12 8.63
CA LEU C 12 -5.40 10.44 8.28
C LEU C 12 -6.26 11.03 7.17
N PRO C 13 -6.32 12.34 7.12
CA PRO C 13 -7.10 13.09 6.14
C PRO C 13 -6.41 13.06 4.78
N LEU C 14 -7.22 13.07 3.75
CA LEU C 14 -6.73 13.15 2.38
C LEU C 14 -6.77 14.67 2.06
N LEU C 15 -5.71 15.15 1.45
CA LEU C 15 -5.59 16.54 1.05
C LEU C 15 -5.63 16.68 -0.48
N SER C 16 -5.76 17.93 -0.86
CA SER C 16 -5.77 18.37 -2.25
C SER C 16 -4.31 18.63 -2.66
N ASN C 17 -4.08 18.55 -3.95
CA ASN C 17 -2.72 18.79 -4.49
C ASN C 17 -2.34 20.24 -4.20
N THR C 18 -3.25 21.12 -4.55
CA THR C 18 -3.07 22.55 -4.33
C THR C 18 -2.44 22.84 -2.98
N ASN C 19 -3.13 22.43 -1.92
CA ASN C 19 -2.66 22.68 -0.54
C ASN C 19 -1.44 21.82 -0.24
N CYS C 20 -1.32 20.72 -0.97
CA CYS C 20 -0.18 19.82 -0.85
C CYS C 20 1.08 20.42 -1.48
N LYS C 21 0.88 21.06 -2.62
CA LYS C 21 1.97 21.75 -3.32
C LYS C 21 2.51 22.84 -2.33
N LYS C 22 1.62 23.20 -1.42
CA LYS C 22 1.95 24.19 -0.39
C LYS C 22 3.20 23.74 0.40
N TYR C 23 3.34 22.45 0.54
CA TYR C 23 4.39 21.78 1.27
C TYR C 23 5.51 21.25 0.37
N TRP C 24 5.15 20.50 -0.65
CA TRP C 24 6.07 19.81 -1.54
C TRP C 24 6.39 20.48 -2.86
N GLY C 25 5.80 21.63 -3.08
CA GLY C 25 6.03 22.40 -4.31
C GLY C 25 5.74 21.54 -5.53
N THR C 26 6.38 21.91 -6.61
CA THR C 26 6.26 21.30 -7.92
C THR C 26 6.69 19.84 -7.99
N LYS C 27 6.71 19.15 -6.87
CA LYS C 27 7.06 17.73 -6.83
C LYS C 27 5.80 16.87 -6.95
N ILE C 28 4.74 17.39 -6.39
CA ILE C 28 3.39 16.79 -6.42
C ILE C 28 2.88 16.81 -7.86
N LYS C 29 2.76 15.66 -8.47
CA LYS C 29 2.29 15.58 -9.86
C LYS C 29 0.87 15.01 -9.86
N ASP C 30 0.31 14.87 -11.03
CA ASP C 30 -1.06 14.38 -11.24
C ASP C 30 -1.30 12.98 -10.71
N ALA C 31 -0.37 12.07 -10.83
CA ALA C 31 -0.53 10.71 -10.32
C ALA C 31 -0.17 10.56 -8.85
N MET C 32 -0.29 11.63 -8.09
CA MET C 32 0.03 11.63 -6.66
C MET C 32 -1.07 12.34 -5.84
N ILE C 33 -1.31 11.74 -4.69
CA ILE C 33 -2.29 12.19 -3.71
C ILE C 33 -1.63 12.21 -2.33
N CYS C 34 -1.86 13.31 -1.63
CA CYS C 34 -1.28 13.56 -0.32
C CYS C 34 -2.32 13.27 0.76
N ALA C 35 -1.80 12.96 1.92
CA ALA C 35 -2.52 12.59 3.13
C ALA C 35 -1.54 12.68 4.30
N GLY C 36 -2.11 12.95 5.45
CA GLY C 36 -1.34 13.10 6.67
C GLY C 36 -1.25 14.55 7.11
N ALA C 37 -0.05 14.83 7.59
CA ALA C 37 0.30 16.13 8.17
C ALA C 37 -0.72 16.32 9.32
N SER C 38 -1.06 15.18 9.93
CA SER C 38 -2.05 15.15 10.98
C SER C 38 -1.60 14.70 12.35
N GLY C 39 -0.33 14.41 12.48
CA GLY C 39 0.29 13.98 13.75
C GLY C 39 0.61 12.47 13.67
N VAL C 40 0.66 12.04 12.44
CA VAL C 40 0.91 10.67 12.01
C VAL C 40 1.55 10.74 10.62
N SER C 41 2.32 9.71 10.31
CA SER C 41 2.97 9.63 9.01
C SER C 41 3.44 8.22 8.66
N SER C 42 3.34 7.97 7.36
CA SER C 42 3.85 6.69 6.81
C SER C 42 5.38 6.85 6.90
N CYS C 43 6.07 5.73 6.80
CA CYS C 43 7.55 5.80 6.96
C CYS C 43 8.25 4.68 6.23
N MET C 44 9.56 4.79 6.18
CA MET C 44 10.45 3.83 5.51
C MET C 44 10.02 2.41 5.88
N GLY C 45 9.68 1.60 4.88
CA GLY C 45 9.22 0.22 5.05
C GLY C 45 7.73 0.03 4.80
N ASP C 46 6.99 1.11 4.80
CA ASP C 46 5.58 1.28 4.58
C ASP C 46 5.29 1.29 3.06
N SER C 47 6.27 1.67 2.25
CA SER C 47 6.19 1.77 0.81
C SER C 47 5.60 0.57 0.09
N GLY C 48 4.72 0.89 -0.85
CA GLY C 48 4.02 -0.10 -1.68
C GLY C 48 2.72 -0.55 -1.04
N GLY C 49 2.62 -0.38 0.26
CA GLY C 49 1.44 -0.75 1.05
C GLY C 49 0.25 0.11 0.62
N PRO C 50 -0.90 -0.20 1.18
CA PRO C 50 -2.16 0.45 0.90
C PRO C 50 -2.52 1.68 1.72
N LEU C 51 -3.24 2.54 1.03
CA LEU C 51 -3.93 3.72 1.46
C LEU C 51 -5.38 3.43 0.98
N VAL C 52 -6.22 3.18 1.97
CA VAL C 52 -7.60 2.79 1.79
C VAL C 52 -8.66 3.71 2.41
N CYS C 53 -9.65 3.93 1.56
CA CYS C 53 -10.85 4.70 1.88
C CYS C 53 -12.05 3.74 1.68
N LYS C 54 -12.96 3.83 2.63
CA LYS C 54 -14.19 3.05 2.62
C LYS C 54 -15.21 3.80 1.76
N LYS C 55 -15.59 3.11 0.73
CA LYS C 55 -16.54 3.47 -0.28
C LYS C 55 -17.75 2.52 -0.34
N ASN C 56 -18.88 3.05 0.08
CA ASN C 56 -20.15 2.30 -0.04
C ASN C 56 -20.12 0.98 0.73
N GLY C 57 -19.44 0.92 1.84
CA GLY C 57 -19.35 -0.28 2.64
C GLY C 57 -18.06 -1.05 2.45
N ALA C 58 -17.20 -0.60 1.55
CA ALA C 58 -15.97 -1.32 1.26
C ALA C 58 -14.72 -0.48 1.08
N TRP C 59 -13.65 -1.01 1.67
CA TRP C 59 -12.33 -0.38 1.59
C TRP C 59 -11.80 -0.50 0.16
N THR C 60 -11.52 0.68 -0.37
CA THR C 60 -11.02 0.79 -1.75
C THR C 60 -9.59 1.30 -1.70
N LEU C 61 -8.83 0.80 -2.65
CA LEU C 61 -7.44 1.19 -2.82
C LEU C 61 -7.39 2.55 -3.56
N VAL C 62 -7.13 3.57 -2.77
CA VAL C 62 -7.00 4.94 -3.29
C VAL C 62 -5.57 5.45 -3.33
N GLY C 63 -4.65 4.89 -2.57
CA GLY C 63 -3.25 5.32 -2.58
C GLY C 63 -2.24 4.23 -2.26
N ILE C 64 -1.02 4.44 -2.73
CA ILE C 64 0.14 3.55 -2.51
C ILE C 64 1.27 4.38 -1.89
N VAL C 65 1.65 3.99 -0.68
CA VAL C 65 2.70 4.78 0.04
C VAL C 65 3.92 4.73 -0.89
N SER C 66 4.26 5.93 -1.31
CA SER C 66 5.31 6.20 -2.30
C SER C 66 6.49 6.90 -1.65
N TRP C 67 6.29 8.16 -1.26
CA TRP C 67 7.32 9.00 -0.66
C TRP C 67 6.74 10.04 0.29
N GLY C 68 7.68 10.87 0.71
CA GLY C 68 7.52 11.97 1.63
C GLY C 68 8.80 12.16 2.44
N SER C 69 8.61 12.92 3.49
CA SER C 69 9.61 13.34 4.46
C SER C 69 10.64 12.27 4.76
N SER C 70 11.89 12.68 4.62
CA SER C 70 13.12 11.94 4.87
C SER C 70 13.17 11.42 6.31
N THR C 71 12.58 12.20 7.19
CA THR C 71 12.46 11.95 8.62
C THR C 71 11.03 11.63 9.06
N CYS C 72 10.21 11.25 8.10
CA CYS C 72 8.82 10.84 8.31
C CYS C 72 8.07 11.72 9.29
N SER C 73 8.31 13.01 9.13
CA SER C 73 7.69 14.09 9.90
C SER C 73 6.16 13.94 9.87
N THR C 74 5.58 14.04 11.04
CA THR C 74 4.14 13.94 11.26
C THR C 74 3.39 15.22 10.93
N SER C 75 4.14 16.27 10.62
CA SER C 75 3.59 17.60 10.31
C SER C 75 3.62 17.90 8.81
N THR C 76 4.16 16.99 8.04
CA THR C 76 4.27 17.11 6.58
C THR C 76 3.47 15.92 6.00
N PRO C 77 2.79 16.15 4.90
CA PRO C 77 2.00 15.12 4.24
C PRO C 77 2.80 14.13 3.41
N GLY C 78 2.60 12.85 3.70
CA GLY C 78 3.20 11.74 2.96
C GLY C 78 2.58 11.74 1.55
N VAL C 79 3.36 11.27 0.58
CA VAL C 79 2.92 11.21 -0.82
C VAL C 79 2.67 9.75 -1.22
N TYR C 80 1.55 9.59 -1.92
CA TYR C 80 1.03 8.32 -2.39
C TYR C 80 0.69 8.33 -3.88
N ALA C 81 0.86 7.16 -4.47
CA ALA C 81 0.47 6.94 -5.87
C ALA C 81 -1.07 6.98 -5.90
N ARG C 82 -1.59 7.62 -6.93
CA ARG C 82 -3.04 7.77 -7.16
C ARG C 82 -3.47 6.65 -8.09
N VAL C 83 -4.07 5.65 -7.49
CA VAL C 83 -4.52 4.42 -8.12
C VAL C 83 -5.54 4.61 -9.25
N THR C 84 -6.28 5.67 -9.14
CA THR C 84 -7.33 6.10 -10.04
C THR C 84 -6.83 6.51 -11.43
N ALA C 85 -5.58 6.92 -11.48
CA ALA C 85 -4.92 7.35 -12.73
C ALA C 85 -4.13 6.17 -13.31
N LEU C 86 -4.11 5.14 -12.50
CA LEU C 86 -3.38 3.90 -12.72
C LEU C 86 -4.24 2.67 -12.90
N VAL C 87 -5.46 2.73 -12.41
CA VAL C 87 -6.39 1.59 -12.47
C VAL C 87 -6.62 1.10 -13.90
N ASN C 88 -6.68 2.05 -14.82
CA ASN C 88 -6.90 1.72 -16.25
C ASN C 88 -5.74 0.83 -16.69
N TRP C 89 -4.56 1.31 -16.29
CA TRP C 89 -3.34 0.57 -16.60
C TRP C 89 -3.36 -0.82 -15.95
N VAL C 90 -3.80 -0.87 -14.72
CA VAL C 90 -3.87 -2.14 -14.00
C VAL C 90 -4.87 -3.09 -14.64
N GLN C 91 -6.01 -2.56 -15.03
CA GLN C 91 -7.06 -3.34 -15.68
C GLN C 91 -6.56 -3.97 -16.99
N GLN C 92 -5.93 -3.08 -17.75
CA GLN C 92 -5.39 -3.43 -19.05
C GLN C 92 -4.33 -4.53 -18.88
N THR C 93 -3.55 -4.40 -17.82
CA THR C 93 -2.49 -5.32 -17.45
C THR C 93 -3.00 -6.70 -17.04
N LEU C 94 -4.10 -6.76 -16.32
CA LEU C 94 -4.66 -8.05 -15.87
C LEU C 94 -5.28 -8.78 -17.05
N ALA C 95 -6.12 -8.08 -17.77
CA ALA C 95 -6.80 -8.58 -18.96
C ALA C 95 -5.91 -9.30 -19.98
N ALA C 96 -4.73 -8.74 -20.20
CA ALA C 96 -3.79 -9.28 -21.17
C ALA C 96 -3.00 -10.46 -20.63
N ASN C 97 -2.78 -10.46 -19.33
CA ASN C 97 -2.01 -11.47 -18.63
C ASN C 97 -2.83 -12.33 -17.66
#